data_3SVT
#
_entry.id   3SVT
#
_cell.length_a   61.185
_cell.length_b   64.542
_cell.length_c   118.804
_cell.angle_alpha   90.000
_cell.angle_beta   90.000
_cell.angle_gamma   90.000
#
_symmetry.space_group_name_H-M   'P 21 21 2'
#
loop_
_entity.id
_entity.type
_entity.pdbx_description
1 polymer 'Short-chain type dehydrogenase/reductase'
2 non-polymer 'SODIUM ION'
3 non-polymer 'CHLORIDE ION'
4 water water
#
_entity_poly.entity_id   1
_entity_poly.type   'polypeptide(L)'
_entity_poly.pdbx_seq_one_letter_code
;GPGSMQLSFQDRTYLVTGGGSGIGKGVAAGLVAAGASVMIVGRNPDKLAGAVQELEALGANGGAIRYEPTDITNEDETAR
AVDAVTAWHGRLHGVVHCAGGSENIGPITQVDSEAWRRTVDLNVNGTMYVLKHAAREMVRGGGGSFVGISSIAASNTHRW
FGAYGVTKSAVDHLMQLAADELGASWVRVNSIRPGLIRTDLVAAITESAELSSDYAMCTPLPRQGEVEDVANMAMFLLSD
AASFVTGQVINVDGGQMLRRGPDFSAMLEPVFGRDALRGLV
;
_entity_poly.pdbx_strand_id   A,B
#
# COMPACT_ATOMS: atom_id res chain seq x y z
N SER A 8 10.28 -15.15 0.38
CA SER A 8 11.61 -14.71 0.88
C SER A 8 11.73 -14.91 2.38
N PHE A 9 10.85 -15.74 2.98
CA PHE A 9 10.80 -15.81 4.46
C PHE A 9 11.64 -16.94 5.05
N GLN A 10 11.89 -17.94 4.23
CA GLN A 10 12.47 -19.21 4.64
C GLN A 10 13.72 -19.11 5.51
N ASP A 11 14.71 -18.31 5.12
CA ASP A 11 15.99 -18.35 5.82
C ASP A 11 16.21 -17.11 6.70
N ARG A 12 15.11 -16.51 7.14
CA ARG A 12 15.12 -15.20 7.77
C ARG A 12 14.50 -15.19 9.15
N THR A 13 14.87 -14.16 9.92
CA THR A 13 14.43 -14.00 11.30
C THR A 13 13.74 -12.66 11.54
N TYR A 14 12.59 -12.72 12.20
CA TYR A 14 11.73 -11.55 12.45
C TYR A 14 11.33 -11.43 13.93
N LEU A 15 11.22 -10.18 14.38
CA LEU A 15 10.67 -9.80 15.67
C LEU A 15 9.24 -9.31 15.48
N VAL A 16 8.30 -9.85 16.25
CA VAL A 16 6.91 -9.41 16.21
C VAL A 16 6.47 -8.97 17.62
N THR A 17 6.27 -7.66 17.81
CA THR A 17 5.81 -7.16 19.08
C THR A 17 4.29 -7.26 19.17
N GLY A 18 3.79 -7.43 20.39
CA GLY A 18 2.38 -7.76 20.59
C GLY A 18 1.99 -9.05 19.91
N GLY A 19 2.87 -10.04 19.94
CA GLY A 19 2.64 -11.31 19.20
C GLY A 19 1.82 -12.38 19.90
N GLY A 20 1.37 -12.10 21.12
CA GLY A 20 0.63 -13.07 21.92
C GLY A 20 -0.84 -13.23 21.57
N SER A 21 -1.42 -12.26 20.84
CA SER A 21 -2.83 -12.33 20.44
C SER A 21 -3.11 -11.43 19.24
N GLY A 22 -4.32 -11.55 18.69
CA GLY A 22 -4.79 -10.63 17.65
C GLY A 22 -3.88 -10.50 16.43
N ILE A 23 -3.68 -9.27 15.98
CA ILE A 23 -2.92 -8.99 14.76
C ILE A 23 -1.50 -9.56 14.80
N GLY A 24 -0.78 -9.28 15.90
CA GLY A 24 0.56 -9.80 16.10
C GLY A 24 0.68 -11.31 15.99
N LYS A 25 -0.27 -12.02 16.58
CA LYS A 25 -0.27 -13.47 16.55
C LYS A 25 -0.51 -14.02 15.13
N GLY A 26 -1.46 -13.44 14.42
CA GLY A 26 -1.68 -13.74 13.00
C GLY A 26 -0.44 -13.52 12.16
N VAL A 27 0.25 -12.40 12.38
CA VAL A 27 1.47 -12.12 11.65
C VAL A 27 2.51 -13.21 11.91
N ALA A 28 2.74 -13.48 13.20
CA ALA A 28 3.68 -14.50 13.63
C ALA A 28 3.36 -15.85 12.97
N ALA A 29 2.06 -16.21 12.97
CA ALA A 29 1.61 -17.49 12.39
C ALA A 29 1.89 -17.58 10.88
N GLY A 30 1.61 -16.51 10.15
CA GLY A 30 1.93 -16.49 8.72
C GLY A 30 3.43 -16.65 8.42
N LEU A 31 4.26 -15.98 9.20
CA LEU A 31 5.71 -16.03 9.00
C LEU A 31 6.22 -17.44 9.37
N VAL A 32 5.77 -17.97 10.49
CA VAL A 32 6.16 -19.34 10.86
C VAL A 32 5.75 -20.34 9.78
N ALA A 33 4.55 -20.20 9.24
CA ALA A 33 4.05 -21.13 8.22
C ALA A 33 4.93 -21.07 6.98
N ALA A 34 5.42 -19.89 6.66
CA ALA A 34 6.29 -19.69 5.50
C ALA A 34 7.73 -20.16 5.73
N GLY A 35 8.07 -20.63 6.93
CA GLY A 35 9.42 -21.14 7.21
C GLY A 35 10.35 -20.20 7.97
N ALA A 36 9.85 -19.03 8.38
CA ALA A 36 10.66 -18.06 9.11
C ALA A 36 10.91 -18.47 10.57
N SER A 37 11.93 -17.86 11.16
CA SER A 37 12.05 -17.85 12.62
C SER A 37 11.43 -16.57 13.14
N VAL A 38 10.60 -16.67 14.16
CA VAL A 38 9.88 -15.50 14.73
C VAL A 38 10.04 -15.49 16.26
N MET A 39 10.44 -14.35 16.81
CA MET A 39 10.40 -14.10 18.25
C MET A 39 9.22 -13.18 18.51
N ILE A 40 8.27 -13.65 19.31
CA ILE A 40 7.20 -12.79 19.79
C ILE A 40 7.50 -12.24 21.17
N VAL A 41 7.23 -10.94 21.33
CA VAL A 41 7.40 -10.28 22.63
C VAL A 41 6.18 -9.48 22.94
N GLY A 42 5.96 -9.30 24.23
CA GLY A 42 4.74 -8.65 24.75
C GLY A 42 4.74 -8.68 26.26
N ARG A 43 3.74 -8.04 26.86
CA ARG A 43 3.66 -7.85 28.33
C ARG A 43 3.18 -9.08 29.09
N ASN A 44 2.30 -9.88 28.47
CA ASN A 44 1.63 -11.00 29.20
C ASN A 44 2.34 -12.34 28.91
N PRO A 45 3.10 -12.87 29.90
CA PRO A 45 3.87 -14.08 29.63
C PRO A 45 2.99 -15.31 29.40
N ASP A 46 1.82 -15.37 30.04
CA ASP A 46 0.92 -16.53 29.86
C ASP A 46 0.41 -16.59 28.40
N LYS A 47 0.05 -15.44 27.86
CA LYS A 47 -0.47 -15.35 26.51
C LYS A 47 0.65 -15.60 25.49
N LEU A 48 1.82 -14.98 25.66
CA LEU A 48 2.95 -15.28 24.79
C LEU A 48 3.28 -16.78 24.75
N ALA A 49 3.38 -17.42 25.92
CA ALA A 49 3.69 -18.85 25.97
C ALA A 49 2.63 -19.70 25.27
N GLY A 50 1.36 -19.33 25.45
CA GLY A 50 0.25 -20.03 24.81
C GLY A 50 0.25 -19.88 23.27
N ALA A 51 0.66 -18.71 22.80
CA ALA A 51 0.78 -18.45 21.36
C ALA A 51 1.89 -19.29 20.72
N VAL A 52 3.02 -19.38 21.41
CA VAL A 52 4.11 -20.27 21.01
C VAL A 52 3.61 -21.72 20.83
N GLN A 53 2.90 -22.23 21.83
CA GLN A 53 2.44 -23.62 21.76
C GLN A 53 1.52 -23.81 20.57
N GLU A 54 0.68 -22.81 20.32
CA GLU A 54 -0.26 -22.86 19.22
C GLU A 54 0.46 -22.81 17.87
N LEU A 55 1.43 -21.93 17.77
CA LEU A 55 2.11 -21.66 16.52
C LEU A 55 3.09 -22.74 16.17
N GLU A 56 3.71 -23.38 17.16
CA GLU A 56 4.52 -24.57 16.91
C GLU A 56 3.80 -25.56 16.01
N ALA A 57 2.48 -25.66 16.17
CA ALA A 57 1.67 -26.53 15.30
C ALA A 57 1.81 -26.23 13.80
N LEU A 58 2.25 -25.01 13.48
CA LEU A 58 2.52 -24.54 12.10
C LEU A 58 3.88 -25.04 11.66
N GLY A 59 4.50 -25.75 12.60
CA GLY A 59 5.40 -26.83 12.32
C GLY A 59 6.49 -26.49 11.36
N ALA A 60 6.55 -27.27 10.29
CA ALA A 60 7.68 -27.20 9.39
C ALA A 60 7.38 -26.98 7.90
N ASN A 61 7.62 -25.74 7.50
CA ASN A 61 8.38 -25.36 6.35
C ASN A 61 9.70 -25.06 7.02
N GLY A 62 9.96 -25.74 8.14
CA GLY A 62 11.08 -25.43 8.99
C GLY A 62 10.96 -24.16 9.80
N GLY A 63 9.75 -23.63 9.98
CA GLY A 63 9.58 -22.44 10.82
C GLY A 63 9.79 -22.68 12.32
N ALA A 64 10.15 -21.62 13.02
CA ALA A 64 10.43 -21.71 14.46
C ALA A 64 9.90 -20.47 15.17
N ILE A 65 9.48 -20.64 16.42
CA ILE A 65 8.92 -19.54 17.20
C ILE A 65 9.47 -19.56 18.63
N ARG A 66 9.88 -18.39 19.11
CA ARG A 66 10.28 -18.20 20.53
C ARG A 66 9.56 -16.97 21.09
N TYR A 67 9.55 -16.84 22.41
CA TYR A 67 9.00 -15.65 23.05
C TYR A 67 9.92 -15.08 24.12
N GLU A 68 9.82 -13.77 24.32
CA GLU A 68 10.40 -13.09 25.47
C GLU A 68 9.41 -12.09 26.03
N PRO A 69 8.98 -12.25 27.30
CA PRO A 69 8.19 -11.19 27.91
C PRO A 69 8.96 -9.85 27.90
N THR A 70 8.34 -8.79 27.38
CA THR A 70 8.99 -7.50 27.21
C THR A 70 7.98 -6.37 27.45
N ASP A 71 8.34 -5.40 28.28
CA ASP A 71 7.52 -4.21 28.50
C ASP A 71 8.11 -3.12 27.64
N ILE A 72 7.42 -2.77 26.56
CA ILE A 72 8.02 -1.84 25.58
C ILE A 72 8.09 -0.41 26.06
N THR A 73 7.47 -0.10 27.19
CA THR A 73 7.67 1.18 27.83
C THR A 73 9.01 1.30 28.54
N ASN A 74 9.75 0.19 28.62
CA ASN A 74 11.10 0.17 29.19
C ASN A 74 12.08 -0.07 28.05
N GLU A 75 12.89 0.95 27.74
CA GLU A 75 13.83 0.91 26.63
C GLU A 75 14.87 -0.20 26.80
N ASP A 76 15.31 -0.44 28.02
CA ASP A 76 16.34 -1.45 28.29
C ASP A 76 15.82 -2.87 28.02
N GLU A 77 14.60 -3.18 28.45
CA GLU A 77 14.01 -4.48 28.12
C GLU A 77 13.84 -4.64 26.60
N THR A 78 13.43 -3.56 25.93
CA THR A 78 13.23 -3.58 24.49
C THR A 78 14.57 -3.88 23.76
N ALA A 79 15.63 -3.19 24.18
CA ALA A 79 16.96 -3.39 23.61
C ALA A 79 17.40 -4.84 23.83
N ARG A 80 17.11 -5.38 25.03
CA ARG A 80 17.42 -6.79 25.37
C ARG A 80 16.68 -7.78 24.47
N ALA A 81 15.43 -7.51 24.18
CA ALA A 81 14.64 -8.33 23.24
C ALA A 81 15.23 -8.32 21.80
N VAL A 82 15.67 -7.13 21.38
CA VAL A 82 16.32 -6.94 20.08
C VAL A 82 17.66 -7.66 20.03
N ASP A 83 18.40 -7.65 21.14
CA ASP A 83 19.64 -8.45 21.23
C ASP A 83 19.33 -9.93 21.12
N ALA A 84 18.31 -10.40 21.83
CA ALA A 84 18.00 -11.84 21.82
C ALA A 84 17.62 -12.34 20.42
N VAL A 85 16.73 -11.61 19.72
CA VAL A 85 16.27 -12.05 18.38
C VAL A 85 17.42 -12.01 17.39
N THR A 86 18.27 -11.00 17.50
CA THR A 86 19.39 -10.86 16.61
C THR A 86 20.45 -11.96 16.79
N ALA A 87 20.76 -12.33 18.02
CA ALA A 87 21.75 -13.37 18.30
C ALA A 87 21.24 -14.79 17.96
N TRP A 88 19.92 -14.95 17.84
CA TRP A 88 19.31 -16.27 17.54
C TRP A 88 19.92 -16.96 16.32
N HIS A 89 19.92 -16.28 15.17
CA HIS A 89 20.66 -16.78 13.99
C HIS A 89 21.67 -15.77 13.44
N GLY A 90 21.95 -14.68 14.16
CA GLY A 90 22.97 -13.72 13.78
C GLY A 90 22.54 -12.51 12.97
N ARG A 91 21.30 -12.47 12.53
CA ARG A 91 20.80 -11.32 11.80
C ARG A 91 19.28 -11.13 12.00
N LEU A 92 18.88 -9.88 12.19
CA LEU A 92 17.46 -9.50 12.24
C LEU A 92 17.02 -8.95 10.89
N HIS A 93 16.03 -9.61 10.25
CA HIS A 93 15.61 -9.23 8.89
C HIS A 93 14.44 -8.26 8.84
N GLY A 94 13.64 -8.27 9.88
CA GLY A 94 12.51 -7.36 9.92
C GLY A 94 11.77 -7.37 11.23
N VAL A 95 10.86 -6.41 11.35
CA VAL A 95 10.06 -6.23 12.56
C VAL A 95 8.64 -5.94 12.12
N VAL A 96 7.68 -6.55 12.81
CA VAL A 96 6.29 -6.10 12.73
C VAL A 96 5.88 -5.68 14.15
N HIS A 97 5.67 -4.37 14.32
CA HIS A 97 5.39 -3.75 15.61
C HIS A 97 3.88 -3.58 15.82
N CYS A 98 3.28 -4.50 16.55
CA CYS A 98 1.85 -4.52 16.82
C CYS A 98 1.52 -4.15 18.28
N ALA A 99 2.53 -3.98 19.12
CA ALA A 99 2.34 -3.67 20.54
C ALA A 99 1.87 -2.24 20.69
N GLY A 100 0.87 -2.03 21.53
CA GLY A 100 0.22 -0.72 21.69
C GLY A 100 -1.27 -0.87 21.96
N GLY A 101 -1.96 0.25 22.14
N GLY A 101 -1.96 0.25 22.14
CA GLY A 101 -3.40 0.25 22.39
CA GLY A 101 -3.40 0.24 22.40
C GLY A 101 -3.81 1.56 23.03
C GLY A 101 -3.85 1.57 22.96
N SER A 102 -4.95 1.56 23.72
CA SER A 102 -5.43 2.77 24.43
C SER A 102 -6.32 2.46 25.62
N GLU A 103 -6.42 3.40 26.57
CA GLU A 103 -7.22 3.14 27.76
C GLU A 103 -8.24 4.21 28.05
N ASN A 104 -9.13 4.50 27.11
CA ASN A 104 -10.30 5.28 27.47
C ASN A 104 -10.99 6.02 26.32
N ILE A 105 -12.29 5.86 26.27
CA ILE A 105 -13.11 6.61 25.36
C ILE A 105 -13.80 7.70 26.19
N GLY A 106 -13.89 8.91 25.64
CA GLY A 106 -14.53 10.02 26.31
C GLY A 106 -14.18 11.35 25.64
N PRO A 107 -14.98 12.39 25.90
CA PRO A 107 -14.71 13.71 25.34
C PRO A 107 -13.34 14.29 25.70
N ILE A 108 -12.77 15.04 24.76
CA ILE A 108 -11.50 15.72 24.98
C ILE A 108 -11.53 16.59 26.24
N THR A 109 -12.68 17.18 26.55
CA THR A 109 -12.82 18.00 27.76
C THR A 109 -12.79 17.22 29.08
N GLN A 110 -12.95 15.90 29.01
CA GLN A 110 -12.89 15.05 30.18
C GLN A 110 -11.79 13.99 30.09
N VAL A 111 -10.75 14.26 29.31
CA VAL A 111 -9.68 13.28 29.13
C VAL A 111 -9.08 12.89 30.50
N ASP A 112 -8.96 11.59 30.73
CA ASP A 112 -8.23 11.04 31.88
C ASP A 112 -6.74 11.20 31.55
N SER A 113 -6.12 12.21 32.16
CA SER A 113 -4.77 12.61 31.80
C SER A 113 -3.75 11.51 32.07
N GLU A 114 -3.88 10.79 33.19
CA GLU A 114 -2.96 9.65 33.45
C GLU A 114 -3.11 8.54 32.40
N ALA A 115 -4.33 8.21 31.98
CA ALA A 115 -4.53 7.23 30.90
C ALA A 115 -4.00 7.74 29.54
N TRP A 116 -4.28 9.00 29.23
CA TRP A 116 -3.66 9.63 28.05
C TRP A 116 -2.11 9.49 28.09
N ARG A 117 -1.47 9.86 29.20
CA ARG A 117 -0.01 9.75 29.31
C ARG A 117 0.50 8.33 29.08
N ARG A 118 -0.23 7.37 29.66
CA ARG A 118 0.04 5.95 29.51
C ARG A 118 -0.02 5.51 28.04
N THR A 119 -1.06 5.94 27.33
CA THR A 119 -1.22 5.64 25.91
C THR A 119 -0.10 6.28 25.09
N VAL A 120 0.22 7.53 25.41
CA VAL A 120 1.38 8.19 24.78
C VAL A 120 2.66 7.40 25.03
N ASP A 121 2.94 7.09 26.29
CA ASP A 121 4.15 6.32 26.62
C ASP A 121 4.21 5.00 25.84
N LEU A 122 3.13 4.23 25.86
CA LEU A 122 3.07 2.98 25.15
C LEU A 122 3.24 3.13 23.65
N ASN A 123 2.49 4.04 23.02
CA ASN A 123 2.46 4.14 21.57
C ASN A 123 3.58 4.97 20.96
N VAL A 124 3.85 6.16 21.51
CA VAL A 124 4.88 7.05 20.97
C VAL A 124 6.29 6.63 21.40
N ASN A 125 6.50 6.53 22.71
CA ASN A 125 7.79 6.15 23.27
C ASN A 125 8.18 4.70 23.01
N GLY A 126 7.26 3.80 23.29
CA GLY A 126 7.43 2.36 23.00
C GLY A 126 7.78 2.03 21.56
N THR A 127 7.05 2.63 20.62
CA THR A 127 7.40 2.51 19.19
C THR A 127 8.80 3.04 18.89
N MET A 128 9.15 4.18 19.47
CA MET A 128 10.49 4.76 19.24
C MET A 128 11.58 3.80 19.71
N TYR A 129 11.43 3.21 20.90
CA TYR A 129 12.48 2.30 21.42
C TYR A 129 12.66 1.08 20.51
N VAL A 130 11.56 0.44 20.13
CA VAL A 130 11.62 -0.72 19.23
C VAL A 130 12.30 -0.36 17.90
N LEU A 131 11.88 0.77 17.34
CA LEU A 131 12.43 1.28 16.10
C LEU A 131 13.94 1.59 16.21
N LYS A 132 14.29 2.36 17.23
CA LYS A 132 15.67 2.76 17.49
C LYS A 132 16.62 1.57 17.53
N HIS A 133 16.27 0.53 18.29
CA HIS A 133 17.19 -0.60 18.50
C HIS A 133 17.09 -1.64 17.40
N ALA A 134 15.89 -1.88 16.89
CA ALA A 134 15.75 -2.73 15.70
C ALA A 134 16.53 -2.10 14.55
N ALA A 135 16.33 -0.81 14.30
CA ALA A 135 17.08 -0.12 13.22
C ALA A 135 18.61 -0.26 13.37
N ARG A 136 19.14 -0.20 14.58
CA ARG A 136 20.58 -0.34 14.75
C ARG A 136 21.11 -1.64 14.14
N GLU A 137 20.41 -2.72 14.42
CA GLU A 137 20.83 -4.05 13.99
C GLU A 137 20.55 -4.27 12.51
N MET A 138 19.44 -3.74 12.03
CA MET A 138 19.08 -3.92 10.63
C MET A 138 20.00 -3.11 9.74
N VAL A 139 20.48 -1.97 10.23
CA VAL A 139 21.54 -1.26 9.55
C VAL A 139 22.85 -2.05 9.48
N ARG A 140 23.35 -2.51 10.63
CA ARG A 140 24.61 -3.30 10.67
C ARG A 140 24.56 -4.55 9.80
N GLY A 141 23.39 -5.22 9.77
CA GLY A 141 23.20 -6.45 9.00
C GLY A 141 23.02 -6.27 7.50
N GLY A 142 22.95 -5.02 7.04
CA GLY A 142 22.91 -4.71 5.62
C GLY A 142 21.52 -4.48 5.03
N GLY A 143 20.53 -4.18 5.86
CA GLY A 143 19.19 -3.91 5.39
C GLY A 143 18.11 -4.75 6.08
N GLY A 144 16.87 -4.30 5.97
CA GLY A 144 15.68 -5.01 6.48
C GLY A 144 14.41 -4.24 6.24
N SER A 145 13.30 -4.74 6.78
CA SER A 145 12.00 -4.13 6.58
C SER A 145 11.28 -4.00 7.94
N PHE A 146 10.87 -2.78 8.30
CA PHE A 146 10.16 -2.52 9.56
C PHE A 146 8.73 -2.08 9.22
N VAL A 147 7.77 -2.81 9.74
CA VAL A 147 6.38 -2.55 9.54
C VAL A 147 5.76 -2.14 10.91
N GLY A 148 5.26 -0.92 10.99
CA GLY A 148 4.56 -0.44 12.19
C GLY A 148 3.08 -0.58 11.98
N ILE A 149 2.37 -1.09 12.98
CA ILE A 149 0.94 -1.19 12.90
C ILE A 149 0.31 -0.01 13.63
N SER A 150 -0.52 0.73 12.89
CA SER A 150 -1.12 1.97 13.36
C SER A 150 -2.61 1.69 13.43
N SER A 151 -3.44 2.56 12.84
CA SER A 151 -4.90 2.34 12.88
C SER A 151 -5.64 3.37 12.05
N ILE A 152 -6.83 2.99 11.58
CA ILE A 152 -7.70 3.92 10.91
C ILE A 152 -8.04 5.18 11.80
N ALA A 153 -7.83 5.06 13.12
CA ALA A 153 -8.03 6.19 14.03
C ALA A 153 -7.06 7.35 13.75
N ALA A 154 -5.98 7.08 13.01
CA ALA A 154 -5.00 8.08 12.65
C ALA A 154 -5.36 8.71 11.33
N SER A 155 -6.06 7.99 10.46
CA SER A 155 -6.39 8.48 9.12
C SER A 155 -7.73 9.27 9.09
N ASN A 156 -8.66 8.91 9.98
CA ASN A 156 -9.98 9.55 10.06
C ASN A 156 -10.33 9.77 11.53
N THR A 157 -10.67 11.01 11.88
CA THR A 157 -10.99 11.32 13.28
C THR A 157 -12.02 10.36 13.85
N HIS A 158 -11.69 9.79 15.01
CA HIS A 158 -12.60 9.00 15.81
C HIS A 158 -13.01 9.84 17.00
N ARG A 159 -14.19 10.44 16.95
CA ARG A 159 -14.68 11.23 18.08
C ARG A 159 -14.65 10.40 19.34
N TRP A 160 -14.11 11.00 20.41
CA TRP A 160 -14.07 10.48 21.79
C TRP A 160 -12.99 9.41 22.06
N PHE A 161 -12.16 9.13 21.07
CA PHE A 161 -11.04 8.18 21.24
C PHE A 161 -9.75 8.84 21.77
N GLY A 162 -9.79 10.16 21.96
CA GLY A 162 -8.66 10.86 22.61
C GLY A 162 -7.28 10.47 22.09
N ALA A 163 -6.43 9.94 22.99
CA ALA A 163 -5.01 9.64 22.72
C ALA A 163 -4.71 8.63 21.62
N TYR A 164 -5.68 7.77 21.31
CA TYR A 164 -5.42 6.67 20.39
C TYR A 164 -5.04 7.17 19.00
N GLY A 165 -5.93 7.93 18.35
CA GLY A 165 -5.67 8.41 17.00
C GLY A 165 -4.52 9.40 16.95
N VAL A 166 -4.41 10.19 18.01
CA VAL A 166 -3.35 11.18 18.17
C VAL A 166 -1.99 10.50 18.20
N THR A 167 -1.87 9.43 19.00
CA THR A 167 -0.57 8.75 19.14
C THR A 167 -0.22 7.92 17.91
N LYS A 168 -1.21 7.27 17.31
CA LYS A 168 -0.99 6.53 16.07
C LYS A 168 -0.60 7.43 14.91
N SER A 169 -1.06 8.68 14.89
CA SER A 169 -0.56 9.62 13.88
C SER A 169 0.92 9.97 14.11
N ALA A 170 1.29 10.10 15.37
CA ALA A 170 2.68 10.30 15.72
C ALA A 170 3.53 9.15 15.19
N VAL A 171 3.04 7.92 15.37
CA VAL A 171 3.71 6.71 14.94
C VAL A 171 3.90 6.68 13.42
N ASP A 172 2.87 7.05 12.68
CA ASP A 172 2.97 7.04 11.22
C ASP A 172 4.05 8.02 10.73
N HIS A 173 4.13 9.18 11.38
CA HIS A 173 5.16 10.14 11.03
C HIS A 173 6.52 9.58 11.34
N LEU A 174 6.64 8.89 12.46
CA LEU A 174 7.90 8.25 12.83
C LEU A 174 8.32 7.22 11.78
N MET A 175 7.39 6.39 11.31
CA MET A 175 7.69 5.43 10.28
C MET A 175 8.27 6.14 9.03
N GLN A 176 7.65 7.23 8.62
CA GLN A 176 8.10 8.00 7.45
C GLN A 176 9.43 8.71 7.63
N LEU A 177 9.62 9.32 8.80
CA LEU A 177 10.91 9.96 9.16
C LEU A 177 12.03 8.91 9.13
N ALA A 178 11.74 7.74 9.69
CA ALA A 178 12.73 6.65 9.77
C ALA A 178 13.06 6.07 8.39
N ALA A 179 12.06 5.96 7.51
CA ALA A 179 12.30 5.62 6.10
C ALA A 179 13.21 6.65 5.42
N ASP A 180 13.02 7.92 5.73
CA ASP A 180 13.83 8.97 5.12
C ASP A 180 15.30 8.78 5.57
N GLU A 181 15.50 8.66 6.87
CA GLU A 181 16.81 8.50 7.45
C GLU A 181 17.54 7.22 7.09
N LEU A 182 16.80 6.11 6.99
CA LEU A 182 17.41 4.79 6.97
C LEU A 182 17.49 4.14 5.57
N GLY A 183 16.91 4.76 4.54
CA GLY A 183 16.87 4.16 3.19
C GLY A 183 18.28 3.93 2.62
N ALA A 184 19.19 4.85 2.92
CA ALA A 184 20.56 4.73 2.51
C ALA A 184 21.24 3.44 3.03
N SER A 185 20.71 2.88 4.11
CA SER A 185 21.19 1.63 4.72
C SER A 185 20.27 0.44 4.35
N TRP A 186 19.45 0.65 3.34
CA TRP A 186 18.57 -0.43 2.82
C TRP A 186 17.57 -0.97 3.86
N VAL A 187 17.20 -0.11 4.79
CA VAL A 187 16.19 -0.44 5.79
C VAL A 187 14.90 0.29 5.35
N ARG A 188 13.89 -0.49 4.94
CA ARG A 188 12.57 0.02 4.59
C ARG A 188 11.68 0.10 5.84
N VAL A 189 10.85 1.15 5.90
CA VAL A 189 9.97 1.40 7.04
C VAL A 189 8.63 1.87 6.46
N ASN A 190 7.58 1.14 6.79
CA ASN A 190 6.25 1.38 6.30
C ASN A 190 5.23 1.23 7.44
N SER A 191 4.08 1.89 7.29
CA SER A 191 3.00 1.78 8.25
C SER A 191 1.77 1.13 7.66
N ILE A 192 1.12 0.26 8.42
CA ILE A 192 -0.19 -0.27 8.07
C ILE A 192 -1.25 0.29 9.04
N ARG A 193 -2.31 0.89 8.51
CA ARG A 193 -3.44 1.30 9.33
C ARG A 193 -4.65 0.31 9.17
N PRO A 194 -4.81 -0.65 10.08
CA PRO A 194 -6.01 -1.50 10.01
C PRO A 194 -7.32 -0.75 10.31
N GLY A 195 -8.39 -1.24 9.71
CA GLY A 195 -9.72 -0.76 10.00
C GLY A 195 -10.26 -1.60 11.13
N LEU A 196 -11.57 -1.85 11.14
CA LEU A 196 -12.17 -2.72 12.15
C LEU A 196 -11.79 -4.14 11.83
N ILE A 197 -11.01 -4.76 12.72
CA ILE A 197 -10.54 -6.13 12.54
C ILE A 197 -11.18 -7.03 13.62
N ARG A 198 -11.69 -8.17 13.21
CA ARG A 198 -12.30 -9.12 14.11
C ARG A 198 -11.30 -9.74 15.09
N THR A 199 -11.37 -9.34 16.35
CA THR A 199 -10.57 -9.95 17.44
C THR A 199 -11.39 -10.01 18.75
N ASP A 200 -10.75 -10.48 19.83
CA ASP A 200 -11.32 -10.41 21.19
C ASP A 200 -11.52 -8.95 21.66
N LEU A 201 -10.65 -8.04 21.23
CA LEU A 201 -10.73 -6.62 21.61
C LEU A 201 -11.95 -5.85 21.07
N VAL A 202 -12.86 -6.50 20.34
CA VAL A 202 -13.92 -5.76 19.64
C VAL A 202 -15.35 -6.21 19.98
N ALA A 203 -15.49 -7.02 21.03
CA ALA A 203 -16.81 -7.56 21.45
C ALA A 203 -17.85 -6.47 21.75
N ALA A 204 -17.38 -5.28 22.12
CA ALA A 204 -18.29 -4.15 22.41
C ALA A 204 -19.00 -3.64 21.16
N ILE A 205 -18.26 -3.53 20.05
CA ILE A 205 -18.85 -3.16 18.77
C ILE A 205 -19.76 -4.30 18.26
N THR A 206 -19.31 -5.54 18.48
CA THR A 206 -20.03 -6.75 18.05
C THR A 206 -21.43 -6.85 18.67
N GLU A 207 -21.52 -6.65 19.99
CA GLU A 207 -22.79 -6.75 20.74
C GLU A 207 -23.78 -5.59 20.50
N SER A 208 -23.34 -4.51 19.84
CA SER A 208 -24.18 -3.34 19.60
C SER A 208 -24.69 -3.30 18.15
N ALA A 209 -26.01 -3.23 17.99
CA ALA A 209 -26.63 -3.11 16.66
C ALA A 209 -26.25 -1.75 16.04
N GLU A 210 -26.28 -0.72 16.88
CA GLU A 210 -26.00 0.65 16.48
C GLU A 210 -24.55 0.82 16.01
N LEU A 211 -23.59 0.41 16.85
CA LEU A 211 -22.18 0.49 16.51
C LEU A 211 -21.84 -0.38 15.31
N SER A 212 -22.38 -1.61 15.29
CA SER A 212 -22.09 -2.56 14.18
C SER A 212 -22.61 -2.02 12.88
N SER A 213 -23.85 -1.55 12.88
CA SER A 213 -24.42 -0.89 11.72
C SER A 213 -23.57 0.33 11.29
N ASP A 214 -23.11 1.13 12.26
CA ASP A 214 -22.36 2.36 11.91
C ASP A 214 -21.06 2.04 11.15
N TYR A 215 -20.29 1.07 11.66
CA TYR A 215 -19.10 0.62 10.96
C TYR A 215 -19.40 0.12 9.55
N ALA A 216 -20.43 -0.75 9.40
CA ALA A 216 -20.80 -1.28 8.09
C ALA A 216 -21.18 -0.17 7.10
N MET A 217 -21.89 0.85 7.57
CA MET A 217 -22.25 1.99 6.73
C MET A 217 -21.01 2.78 6.32
N CYS A 218 -20.00 2.78 7.17
CA CYS A 218 -18.77 3.53 6.89
C CYS A 218 -17.81 2.72 5.98
N THR A 219 -18.15 1.47 5.69
CA THR A 219 -17.19 0.56 5.03
C THR A 219 -17.66 0.09 3.66
N PRO A 220 -17.00 0.56 2.57
CA PRO A 220 -17.42 0.17 1.22
C PRO A 220 -17.54 -1.34 1.05
N LEU A 221 -16.50 -2.10 1.45
CA LEU A 221 -16.57 -3.57 1.33
C LEU A 221 -17.54 -4.20 2.34
N PRO A 222 -18.42 -5.13 1.93
CA PRO A 222 -19.44 -5.53 2.90
C PRO A 222 -19.05 -6.63 3.89
N ARG A 223 -17.91 -6.43 4.54
CA ARG A 223 -17.50 -7.33 5.59
C ARG A 223 -16.55 -6.65 6.54
N GLN A 224 -16.42 -7.28 7.69
CA GLN A 224 -15.47 -6.89 8.69
C GLN A 224 -14.09 -7.37 8.26
N GLY A 225 -13.06 -6.72 8.79
CA GLY A 225 -11.69 -7.17 8.58
C GLY A 225 -11.34 -8.39 9.41
N GLU A 226 -10.37 -9.16 8.94
CA GLU A 226 -9.77 -10.28 9.68
C GLU A 226 -8.28 -10.06 9.98
N VAL A 227 -7.74 -10.70 11.03
CA VAL A 227 -6.28 -10.60 11.28
C VAL A 227 -5.42 -11.04 10.06
N GLU A 228 -5.89 -12.04 9.31
CA GLU A 228 -5.20 -12.51 8.09
C GLU A 228 -5.00 -11.39 7.07
N ASP A 229 -5.98 -10.49 6.96
CA ASP A 229 -5.92 -9.37 6.03
C ASP A 229 -4.70 -8.48 6.36
N VAL A 230 -4.53 -8.16 7.64
CA VAL A 230 -3.41 -7.34 8.09
C VAL A 230 -2.07 -8.10 8.01
N ALA A 231 -2.10 -9.38 8.38
CA ALA A 231 -0.94 -10.27 8.29
C ALA A 231 -0.42 -10.41 6.86
N ASN A 232 -1.35 -10.52 5.90
CA ASN A 232 -1.02 -10.56 4.46
C ASN A 232 -0.28 -9.30 4.01
N MET A 233 -0.82 -8.15 4.33
CA MET A 233 -0.13 -6.88 4.03
C MET A 233 1.24 -6.80 4.71
N ALA A 234 1.33 -7.19 5.97
CA ALA A 234 2.63 -7.11 6.69
C ALA A 234 3.68 -7.99 6.02
N MET A 235 3.31 -9.22 5.73
CA MET A 235 4.21 -10.15 5.03
C MET A 235 4.67 -9.63 3.66
N PHE A 236 3.72 -9.10 2.88
CA PHE A 236 4.09 -8.52 1.59
C PHE A 236 5.14 -7.43 1.78
N LEU A 237 4.94 -6.56 2.79
CA LEU A 237 5.86 -5.44 3.00
C LEU A 237 7.22 -5.89 3.53
N LEU A 238 7.23 -7.00 4.24
CA LEU A 238 8.49 -7.60 4.68
C LEU A 238 9.22 -8.27 3.53
N SER A 239 8.47 -8.75 2.51
CA SER A 239 9.05 -9.55 1.42
C SER A 239 9.86 -8.73 0.44
N ASP A 240 10.66 -9.43 -0.36
CA ASP A 240 11.46 -8.79 -1.43
C ASP A 240 10.60 -8.27 -2.58
N ALA A 241 9.36 -8.75 -2.65
CA ALA A 241 8.37 -8.24 -3.59
C ALA A 241 7.96 -6.79 -3.32
N ALA A 242 8.29 -6.27 -2.12
CA ALA A 242 8.09 -4.87 -1.75
C ALA A 242 9.44 -4.12 -1.58
N SER A 243 10.47 -4.55 -2.32
CA SER A 243 11.85 -4.04 -2.09
C SER A 243 12.09 -2.58 -2.52
N PHE A 244 11.16 -2.00 -3.29
CA PHE A 244 11.24 -0.59 -3.63
C PHE A 244 10.14 0.24 -2.95
N VAL A 245 9.51 -0.35 -1.92
CA VAL A 245 8.42 0.29 -1.16
C VAL A 245 8.88 0.73 0.24
N THR A 246 8.94 2.03 0.46
CA THR A 246 9.30 2.56 1.76
C THR A 246 8.62 3.88 2.00
N GLY A 247 8.40 4.21 3.26
CA GLY A 247 7.77 5.46 3.66
C GLY A 247 6.26 5.50 3.43
N GLN A 248 5.65 4.36 3.16
CA GLN A 248 4.22 4.29 2.84
C GLN A 248 3.37 4.08 4.10
N VAL A 249 2.16 4.63 4.06
CA VAL A 249 1.20 4.45 5.11
C VAL A 249 -0.05 3.94 4.41
N ILE A 250 -0.40 2.69 4.69
CA ILE A 250 -1.34 1.94 3.85
C ILE A 250 -2.47 1.40 4.73
N ASN A 251 -3.72 1.67 4.34
CA ASN A 251 -4.86 1.21 5.15
C ASN A 251 -5.25 -0.14 4.66
N VAL A 252 -5.68 -0.99 5.59
CA VAL A 252 -6.30 -2.27 5.31
C VAL A 252 -7.61 -2.26 6.09
N ASP A 253 -8.66 -1.72 5.45
CA ASP A 253 -9.85 -1.25 6.14
C ASP A 253 -11.16 -1.35 5.36
N GLY A 254 -11.18 -2.12 4.26
CA GLY A 254 -12.39 -2.27 3.44
C GLY A 254 -12.82 -0.97 2.77
N GLY A 255 -11.92 0.02 2.73
CA GLY A 255 -12.23 1.36 2.19
C GLY A 255 -12.88 2.36 3.15
N GLN A 256 -12.87 2.06 4.45
CA GLN A 256 -13.47 2.96 5.44
C GLN A 256 -12.81 4.34 5.47
N MET A 257 -11.53 4.44 5.20
CA MET A 257 -10.92 5.77 5.16
C MET A 257 -11.59 6.69 4.12
N LEU A 258 -12.21 6.15 3.08
CA LEU A 258 -12.93 6.99 2.07
C LEU A 258 -14.19 7.65 2.64
N ARG A 259 -14.72 7.08 3.73
CA ARG A 259 -15.91 7.63 4.38
C ARG A 259 -15.46 8.36 5.65
N ARG A 260 -15.86 7.90 6.83
CA ARG A 260 -15.48 8.55 8.08
C ARG A 260 -15.12 7.55 9.19
N GLY A 261 -14.56 8.08 10.27
CA GLY A 261 -14.44 7.31 11.53
C GLY A 261 -15.82 6.94 12.08
N PRO A 262 -15.88 5.93 12.94
CA PRO A 262 -17.13 5.52 13.55
C PRO A 262 -17.66 6.59 14.53
N ASP A 263 -18.97 6.51 14.82
CA ASP A 263 -19.64 7.42 15.73
C ASP A 263 -20.12 6.58 16.90
N PHE A 264 -19.45 6.71 18.04
CA PHE A 264 -19.79 5.89 19.22
C PHE A 264 -20.88 6.51 20.11
N SER A 265 -21.66 7.45 19.55
CA SER A 265 -22.67 8.17 20.30
C SER A 265 -23.62 7.23 21.04
N ALA A 266 -24.11 6.21 20.36
CA ALA A 266 -25.10 5.27 20.98
C ALA A 266 -24.56 4.70 22.29
N MET A 267 -23.31 4.24 22.28
CA MET A 267 -22.64 3.74 23.48
C MET A 267 -22.35 4.84 24.53
N LEU A 268 -21.87 6.00 24.09
CA LEU A 268 -21.38 7.02 25.03
C LEU A 268 -22.45 7.97 25.61
N GLU A 269 -23.55 8.18 24.88
CA GLU A 269 -24.61 9.09 25.36
C GLU A 269 -25.17 8.72 26.74
N PRO A 270 -25.50 7.43 26.95
CA PRO A 270 -25.99 7.05 28.29
C PRO A 270 -24.98 7.20 29.44
N VAL A 271 -23.69 7.22 29.15
CA VAL A 271 -22.64 7.38 30.17
C VAL A 271 -22.38 8.86 30.47
N PHE A 272 -22.06 9.63 29.43
CA PHE A 272 -21.65 11.03 29.58
C PHE A 272 -22.77 12.04 29.43
N GLY A 273 -23.77 11.72 28.61
CA GLY A 273 -24.81 12.67 28.23
C GLY A 273 -24.42 13.40 26.93
N ARG A 274 -25.42 13.86 26.20
CA ARG A 274 -25.21 14.48 24.88
C ARG A 274 -24.39 15.78 24.99
N ASP A 275 -24.69 16.60 25.99
CA ASP A 275 -23.96 17.85 26.16
C ASP A 275 -22.45 17.64 26.41
N ALA A 276 -22.12 16.63 27.22
CA ALA A 276 -20.73 16.30 27.52
C ALA A 276 -19.95 15.93 26.27
N LEU A 277 -20.62 15.25 25.34
CA LEU A 277 -19.97 14.76 24.11
C LEU A 277 -19.62 15.87 23.11
N ARG A 278 -20.15 17.06 23.34
CA ARG A 278 -19.76 18.25 22.57
C ARG A 278 -18.97 19.21 23.46
N GLY A 279 -18.48 18.71 24.59
CA GLY A 279 -17.50 19.45 25.41
C GLY A 279 -18.05 20.19 26.65
N LEU A 280 -19.34 20.06 26.96
CA LEU A 280 -19.88 20.76 28.13
C LEU A 280 -19.44 20.04 29.40
N VAL A 281 -18.86 20.80 30.33
CA VAL A 281 -18.70 20.32 31.72
C VAL A 281 -19.46 21.24 32.69
N LEU B 7 -3.57 -15.52 -3.29
CA LEU B 7 -2.13 -15.81 -3.70
C LEU B 7 -1.98 -16.43 -5.11
N SER B 8 -2.98 -17.18 -5.56
CA SER B 8 -2.94 -17.81 -6.89
C SER B 8 -3.66 -16.97 -7.95
N PHE B 9 -3.27 -17.19 -9.21
CA PHE B 9 -3.88 -16.51 -10.35
C PHE B 9 -4.35 -17.50 -11.41
N GLN B 10 -4.26 -18.79 -11.10
CA GLN B 10 -4.58 -19.82 -12.08
C GLN B 10 -6.05 -19.80 -12.41
N ASP B 11 -6.36 -19.84 -13.72
CA ASP B 11 -7.74 -19.85 -14.22
C ASP B 11 -8.48 -18.54 -13.95
N ARG B 12 -7.74 -17.46 -13.78
CA ARG B 12 -8.35 -16.14 -13.69
C ARG B 12 -7.95 -15.36 -14.92
N THR B 13 -8.81 -14.41 -15.32
CA THR B 13 -8.63 -13.63 -16.53
C THR B 13 -8.47 -12.17 -16.20
N TYR B 14 -7.49 -11.53 -16.82
CA TYR B 14 -7.19 -10.11 -16.58
C TYR B 14 -7.03 -9.33 -17.87
N LEU B 15 -7.42 -8.06 -17.83
CA LEU B 15 -7.14 -7.10 -18.88
C LEU B 15 -5.97 -6.19 -18.46
N VAL B 16 -4.99 -6.02 -19.34
CA VAL B 16 -3.87 -5.10 -19.09
C VAL B 16 -3.71 -4.09 -20.22
N THR B 17 -3.88 -2.81 -19.90
CA THR B 17 -3.79 -1.74 -20.90
C THR B 17 -2.35 -1.22 -20.89
N GLY B 18 -1.89 -0.80 -22.06
CA GLY B 18 -0.48 -0.47 -22.26
C GLY B 18 0.36 -1.72 -22.10
N GLY B 19 -0.19 -2.88 -22.44
CA GLY B 19 0.48 -4.15 -22.27
C GLY B 19 1.59 -4.44 -23.24
N GLY B 20 1.81 -3.56 -24.21
CA GLY B 20 2.79 -3.78 -25.24
C GLY B 20 4.25 -3.44 -24.91
N SER B 21 4.49 -2.63 -23.87
CA SER B 21 5.85 -2.29 -23.46
C SER B 21 5.88 -1.84 -21.99
N GLY B 22 7.09 -1.56 -21.50
CA GLY B 22 7.30 -1.02 -20.15
C GLY B 22 6.54 -1.75 -19.04
N ILE B 23 5.86 -0.97 -18.20
CA ILE B 23 5.21 -1.53 -17.03
C ILE B 23 4.12 -2.55 -17.38
N GLY B 24 3.26 -2.19 -18.32
CA GLY B 24 2.19 -3.09 -18.71
C GLY B 24 2.69 -4.46 -19.16
N LYS B 25 3.75 -4.49 -19.96
CA LYS B 25 4.32 -5.76 -20.43
C LYS B 25 4.81 -6.62 -19.25
N GLY B 26 5.47 -5.96 -18.29
CA GLY B 26 5.91 -6.64 -17.08
C GLY B 26 4.77 -7.19 -16.24
N VAL B 27 3.68 -6.44 -16.16
CA VAL B 27 2.55 -6.90 -15.39
C VAL B 27 1.90 -8.12 -16.06
N ALA B 28 1.75 -8.03 -17.37
CA ALA B 28 1.24 -9.11 -18.19
C ALA B 28 2.14 -10.36 -18.10
N ALA B 29 3.45 -10.12 -18.14
CA ALA B 29 4.42 -11.20 -18.02
C ALA B 29 4.21 -11.94 -16.71
N GLY B 30 4.18 -11.17 -15.62
CA GLY B 30 3.95 -11.72 -14.29
C GLY B 30 2.71 -12.59 -14.18
N LEU B 31 1.60 -12.10 -14.69
CA LEU B 31 0.31 -12.81 -14.60
C LEU B 31 0.29 -14.10 -15.41
N VAL B 32 0.76 -14.01 -16.65
CA VAL B 32 0.80 -15.20 -17.51
C VAL B 32 1.69 -16.26 -16.86
N ALA B 33 2.84 -15.83 -16.33
CA ALA B 33 3.77 -16.76 -15.73
C ALA B 33 3.15 -17.41 -14.51
N ALA B 34 2.24 -16.71 -13.83
CA ALA B 34 1.55 -17.27 -12.66
C ALA B 34 0.36 -18.15 -13.04
N GLY B 35 0.10 -18.35 -14.34
CA GLY B 35 -0.99 -19.21 -14.79
C GLY B 35 -2.30 -18.49 -15.16
N ALA B 36 -2.25 -17.17 -15.25
CA ALA B 36 -3.41 -16.37 -15.63
C ALA B 36 -3.60 -16.27 -17.15
N SER B 37 -4.85 -15.98 -17.55
CA SER B 37 -5.18 -15.50 -18.89
C SER B 37 -5.19 -13.98 -18.92
N VAL B 38 -4.42 -13.41 -19.83
CA VAL B 38 -4.31 -12.00 -19.97
C VAL B 38 -4.66 -11.57 -21.40
N MET B 39 -5.42 -10.49 -21.52
CA MET B 39 -5.52 -9.72 -22.75
C MET B 39 -4.79 -8.40 -22.53
N ILE B 40 -3.79 -8.15 -23.38
CA ILE B 40 -3.11 -6.86 -23.43
C ILE B 40 -3.70 -6.00 -24.55
N VAL B 41 -4.00 -4.75 -24.24
CA VAL B 41 -4.49 -3.83 -25.25
C VAL B 41 -3.55 -2.63 -25.27
N GLY B 42 -3.53 -1.96 -26.43
CA GLY B 42 -2.70 -0.78 -26.66
C GLY B 42 -2.81 -0.28 -28.09
N ARG B 43 -2.14 0.81 -28.38
CA ARG B 43 -2.31 1.50 -29.66
C ARG B 43 -1.64 0.77 -30.84
N ASN B 44 -0.52 0.08 -30.59
CA ASN B 44 0.38 -0.38 -31.67
C ASN B 44 0.31 -1.91 -31.87
N PRO B 45 -0.40 -2.36 -32.91
CA PRO B 45 -0.50 -3.80 -33.13
C PRO B 45 0.84 -4.53 -33.32
N ASP B 46 1.85 -3.85 -33.87
CA ASP B 46 3.22 -4.39 -34.01
C ASP B 46 3.79 -4.84 -32.67
N LYS B 47 3.81 -3.91 -31.71
CA LYS B 47 4.28 -4.21 -30.35
C LYS B 47 3.42 -5.22 -29.65
N LEU B 48 2.10 -5.07 -29.79
CA LEU B 48 1.18 -5.96 -29.12
C LEU B 48 1.43 -7.42 -29.57
N ALA B 49 1.53 -7.63 -30.88
CA ALA B 49 1.79 -8.96 -31.47
C ALA B 49 3.13 -9.52 -31.00
N GLY B 50 4.15 -8.68 -31.07
CA GLY B 50 5.49 -9.01 -30.57
C GLY B 50 5.46 -9.48 -29.13
N ALA B 51 4.88 -8.63 -28.26
CA ALA B 51 4.75 -8.96 -26.85
C ALA B 51 4.03 -10.29 -26.62
N VAL B 52 3.05 -10.62 -27.46
CA VAL B 52 2.26 -11.84 -27.29
C VAL B 52 3.06 -13.12 -27.55
N GLN B 53 3.87 -13.11 -28.61
CA GLN B 53 4.66 -14.29 -28.97
C GLN B 53 5.72 -14.52 -27.88
N GLU B 54 6.30 -13.42 -27.38
CA GLU B 54 7.20 -13.45 -26.22
C GLU B 54 6.55 -13.94 -24.91
N LEU B 55 5.45 -13.31 -24.52
CA LEU B 55 4.71 -13.75 -23.33
C LEU B 55 4.24 -15.21 -23.39
N GLU B 56 4.07 -15.74 -24.60
CA GLU B 56 3.59 -17.11 -24.78
C GLU B 56 4.65 -18.14 -24.33
N ALA B 57 5.92 -17.75 -24.40
CA ALA B 57 7.02 -18.61 -23.94
C ALA B 57 6.90 -18.87 -22.44
N LEU B 58 6.62 -17.82 -21.69
CA LEU B 58 6.30 -17.93 -20.28
C LEU B 58 4.99 -18.69 -20.19
N GLY B 59 4.47 -18.91 -18.99
CA GLY B 59 3.20 -19.64 -18.87
C GLY B 59 3.17 -20.94 -19.69
N ALA B 60 4.17 -21.79 -19.45
CA ALA B 60 4.02 -23.22 -19.65
C ALA B 60 3.22 -23.71 -18.44
N ASN B 61 3.06 -22.82 -17.47
CA ASN B 61 2.28 -23.05 -16.24
C ASN B 61 0.77 -22.76 -16.39
N GLY B 62 0.22 -23.03 -17.56
CA GLY B 62 -1.22 -22.88 -17.82
C GLY B 62 -1.64 -21.49 -18.28
N GLY B 63 -0.68 -20.60 -18.44
CA GLY B 63 -0.96 -19.21 -18.82
C GLY B 63 -1.47 -19.08 -20.25
N ALA B 64 -2.16 -17.98 -20.54
CA ALA B 64 -2.68 -17.70 -21.88
C ALA B 64 -2.56 -16.21 -22.13
N ILE B 65 -2.35 -15.84 -23.39
CA ILE B 65 -2.16 -14.44 -23.75
C ILE B 65 -2.82 -14.14 -25.09
N ARG B 66 -3.46 -12.96 -25.15
CA ARG B 66 -4.17 -12.44 -26.32
C ARG B 66 -3.92 -10.95 -26.43
N TYR B 67 -4.18 -10.38 -27.61
CA TYR B 67 -4.15 -8.93 -27.78
C TYR B 67 -5.33 -8.40 -28.62
N GLU B 68 -5.69 -7.14 -28.37
CA GLU B 68 -6.62 -6.38 -29.20
C GLU B 68 -6.06 -4.97 -29.32
N PRO B 69 -5.73 -4.51 -30.54
CA PRO B 69 -5.37 -3.09 -30.71
C PRO B 69 -6.55 -2.21 -30.31
N THR B 70 -6.27 -1.17 -29.52
CA THR B 70 -7.31 -0.35 -28.89
C THR B 70 -6.74 1.04 -28.67
N ASP B 71 -7.41 2.07 -29.18
CA ASP B 71 -7.10 3.43 -28.83
C ASP B 71 -8.07 3.83 -27.74
N ILE B 72 -7.57 3.88 -26.51
CA ILE B 72 -8.41 4.08 -25.33
C ILE B 72 -9.03 5.46 -25.25
N THR B 73 -8.67 6.39 -26.15
CA THR B 73 -9.40 7.67 -26.26
C THR B 73 -10.73 7.53 -27.01
N ASN B 74 -10.97 6.36 -27.59
CA ASN B 74 -12.25 6.04 -28.22
C ASN B 74 -12.97 5.01 -27.36
N GLU B 75 -14.09 5.40 -26.76
CA GLU B 75 -14.77 4.55 -25.78
C GLU B 75 -15.32 3.25 -26.38
N ASP B 76 -15.75 3.33 -27.63
CA ASP B 76 -16.30 2.15 -28.31
C ASP B 76 -15.24 1.07 -28.41
N GLU B 77 -14.01 1.48 -28.68
CA GLU B 77 -12.89 0.52 -28.82
C GLU B 77 -12.57 -0.14 -27.49
N THR B 78 -12.55 0.68 -26.43
CA THR B 78 -12.41 0.19 -25.02
C THR B 78 -13.53 -0.78 -24.63
N ALA B 79 -14.76 -0.43 -24.94
CA ALA B 79 -15.91 -1.26 -24.61
C ALA B 79 -15.82 -2.63 -25.31
N ARG B 80 -15.34 -2.63 -26.55
CA ARG B 80 -15.25 -3.87 -27.34
C ARG B 80 -14.21 -4.81 -26.76
N ALA B 81 -13.08 -4.23 -26.38
CA ALA B 81 -11.99 -4.96 -25.76
C ALA B 81 -12.42 -5.56 -24.45
N VAL B 82 -13.20 -4.83 -23.66
CA VAL B 82 -13.70 -5.36 -22.42
C VAL B 82 -14.70 -6.52 -22.65
N ASP B 83 -15.56 -6.40 -23.65
CA ASP B 83 -16.47 -7.51 -24.05
C ASP B 83 -15.67 -8.75 -24.39
N ALA B 84 -14.64 -8.58 -25.20
CA ALA B 84 -13.83 -9.69 -25.67
C ALA B 84 -13.13 -10.40 -24.54
N VAL B 85 -12.49 -9.65 -23.63
CA VAL B 85 -11.79 -10.32 -22.56
C VAL B 85 -12.73 -11.06 -21.62
N THR B 86 -13.92 -10.53 -21.42
CA THR B 86 -14.92 -11.12 -20.56
C THR B 86 -15.56 -12.37 -21.19
N ALA B 87 -15.82 -12.28 -22.49
CA ALA B 87 -16.39 -13.38 -23.26
C ALA B 87 -15.40 -14.55 -23.37
N TRP B 88 -14.12 -14.28 -23.18
CA TRP B 88 -13.07 -15.29 -23.34
C TRP B 88 -13.39 -16.55 -22.52
N HIS B 89 -13.52 -16.39 -21.20
CA HIS B 89 -13.90 -17.49 -20.30
C HIS B 89 -15.19 -17.22 -19.51
N GLY B 90 -15.79 -16.04 -19.70
CA GLY B 90 -17.06 -15.72 -19.05
C GLY B 90 -16.98 -14.74 -17.88
N ARG B 91 -15.78 -14.51 -17.37
CA ARG B 91 -15.60 -13.62 -16.23
C ARG B 91 -14.32 -12.83 -16.34
N LEU B 92 -14.33 -11.58 -15.87
CA LEU B 92 -13.15 -10.72 -15.85
C LEU B 92 -12.78 -10.51 -14.39
N HIS B 93 -11.63 -11.04 -13.99
CA HIS B 93 -11.20 -11.04 -12.59
C HIS B 93 -10.52 -9.73 -12.21
N GLY B 94 -9.96 -9.03 -13.17
CA GLY B 94 -9.28 -7.79 -12.81
C GLY B 94 -8.70 -7.05 -13.97
N VAL B 95 -8.17 -5.87 -13.65
CA VAL B 95 -7.63 -4.98 -14.65
C VAL B 95 -6.44 -4.31 -14.04
N VAL B 96 -5.40 -4.13 -14.84
CA VAL B 96 -4.31 -3.25 -14.52
C VAL B 96 -4.17 -2.24 -15.65
N HIS B 97 -4.40 -0.98 -15.32
CA HIS B 97 -4.48 0.08 -16.31
C HIS B 97 -3.17 0.87 -16.32
N CYS B 98 -2.32 0.55 -17.29
CA CYS B 98 -1.02 1.21 -17.45
C CYS B 98 -0.94 2.16 -18.63
N ALA B 99 -1.95 2.13 -19.50
CA ALA B 99 -1.99 3.00 -20.66
C ALA B 99 -2.17 4.43 -20.21
N GLY B 100 -1.39 5.33 -20.79
CA GLY B 100 -1.37 6.73 -20.40
C GLY B 100 -0.04 7.33 -20.78
N GLY B 101 -0.01 8.65 -20.93
CA GLY B 101 1.18 9.29 -21.46
C GLY B 101 1.38 10.69 -20.97
N SER B 102 2.38 11.33 -21.55
CA SER B 102 2.80 12.67 -21.18
C SER B 102 3.49 13.31 -22.38
N GLU B 103 2.91 14.39 -22.88
CA GLU B 103 3.47 15.09 -24.04
C GLU B 103 3.94 16.51 -23.71
N ASN B 104 3.87 16.92 -22.43
CA ASN B 104 4.26 18.27 -22.02
C ASN B 104 5.59 18.33 -21.26
N ILE B 105 6.42 19.32 -21.57
CA ILE B 105 7.59 19.64 -20.74
C ILE B 105 7.97 21.09 -20.94
N GLY B 106 7.59 21.91 -19.96
CA GLY B 106 7.87 23.34 -19.99
C GLY B 106 6.97 24.09 -19.03
N PRO B 107 7.19 25.41 -18.93
CA PRO B 107 6.48 26.22 -17.96
C PRO B 107 4.99 26.25 -18.27
N ILE B 108 4.21 26.32 -17.21
CA ILE B 108 2.80 26.43 -17.33
C ILE B 108 2.37 27.64 -18.17
N THR B 109 3.10 28.75 -18.06
CA THR B 109 2.81 29.95 -18.86
C THR B 109 3.00 29.79 -20.38
N GLN B 110 3.72 28.76 -20.82
CA GLN B 110 3.93 28.56 -22.26
C GLN B 110 3.42 27.21 -22.73
N VAL B 111 2.64 26.55 -21.89
CA VAL B 111 2.23 25.20 -22.17
C VAL B 111 1.45 25.13 -23.51
N ASP B 112 1.76 24.10 -24.28
CA ASP B 112 1.07 23.81 -25.52
C ASP B 112 -0.29 23.22 -25.18
N SER B 113 -1.34 23.97 -25.49
CA SER B 113 -2.70 23.60 -25.09
C SER B 113 -3.22 22.36 -25.80
N GLU B 114 -2.82 22.16 -27.06
CA GLU B 114 -3.16 20.94 -27.77
C GLU B 114 -2.50 19.71 -27.12
N ALA B 115 -1.21 19.80 -26.83
CA ALA B 115 -0.52 18.73 -26.09
C ALA B 115 -1.20 18.48 -24.73
N TRP B 116 -1.48 19.56 -24.00
CA TRP B 116 -2.23 19.47 -22.74
C TRP B 116 -3.57 18.73 -22.88
N ARG B 117 -4.39 19.17 -23.84
CA ARG B 117 -5.69 18.55 -24.08
C ARG B 117 -5.58 17.06 -24.42
N ARG B 118 -4.58 16.68 -25.23
CA ARG B 118 -4.35 15.27 -25.57
C ARG B 118 -4.03 14.43 -24.33
N THR B 119 -3.12 14.93 -23.53
CA THR B 119 -2.83 14.31 -22.21
C THR B 119 -4.06 14.13 -21.33
N VAL B 120 -4.93 15.14 -21.26
CA VAL B 120 -6.14 15.03 -20.48
C VAL B 120 -7.08 13.93 -21.05
N ASP B 121 -7.20 13.90 -22.38
CA ASP B 121 -8.07 12.95 -23.02
C ASP B 121 -7.56 11.53 -22.72
N LEU B 122 -6.26 11.33 -22.88
CA LEU B 122 -5.67 10.02 -22.68
C LEU B 122 -5.78 9.51 -21.24
N ASN B 123 -5.36 10.36 -20.30
CA ASN B 123 -5.28 9.96 -18.91
C ASN B 123 -6.63 10.00 -18.21
N VAL B 124 -7.35 11.11 -18.35
CA VAL B 124 -8.61 11.30 -17.63
C VAL B 124 -9.77 10.54 -18.30
N ASN B 125 -10.00 10.80 -19.57
CA ASN B 125 -11.13 10.18 -20.24
C ASN B 125 -10.84 8.70 -20.50
N GLY B 126 -9.64 8.42 -21.01
CA GLY B 126 -9.18 7.04 -21.26
C GLY B 126 -9.37 6.13 -20.06
N THR B 127 -8.89 6.55 -18.90
CA THR B 127 -9.08 5.82 -17.66
C THR B 127 -10.54 5.61 -17.31
N MET B 128 -11.36 6.65 -17.47
CA MET B 128 -12.76 6.55 -17.16
C MET B 128 -13.43 5.49 -18.02
N TYR B 129 -13.13 5.49 -19.32
CA TYR B 129 -13.74 4.47 -20.19
C TYR B 129 -13.36 3.05 -19.76
N VAL B 130 -12.08 2.85 -19.48
CA VAL B 130 -11.62 1.54 -19.05
C VAL B 130 -12.30 1.10 -17.76
N LEU B 131 -12.40 2.00 -16.79
CA LEU B 131 -13.01 1.67 -15.51
C LEU B 131 -14.54 1.44 -15.62
N LYS B 132 -15.23 2.34 -16.33
CA LYS B 132 -16.67 2.25 -16.55
C LYS B 132 -17.03 0.86 -17.03
N HIS B 133 -16.40 0.43 -18.12
CA HIS B 133 -16.81 -0.80 -18.78
C HIS B 133 -16.26 -2.05 -18.09
N ALA B 134 -15.03 -1.98 -17.61
CA ALA B 134 -14.48 -3.11 -16.87
C ALA B 134 -15.29 -3.38 -15.59
N ALA B 135 -15.61 -2.28 -14.90
CA ALA B 135 -16.41 -2.31 -13.70
C ALA B 135 -17.76 -3.00 -13.92
N ARG B 136 -18.42 -2.70 -15.04
CA ARG B 136 -19.73 -3.34 -15.30
C ARG B 136 -19.61 -4.87 -15.22
N GLU B 137 -18.59 -5.44 -15.87
CA GLU B 137 -18.45 -6.90 -15.91
C GLU B 137 -17.99 -7.46 -14.59
N MET B 138 -17.07 -6.77 -13.92
CA MET B 138 -16.59 -7.24 -12.62
C MET B 138 -17.72 -7.25 -11.59
N VAL B 139 -18.59 -6.25 -11.63
CA VAL B 139 -19.76 -6.26 -10.76
C VAL B 139 -20.67 -7.45 -11.09
N ARG B 140 -21.01 -7.63 -12.36
CA ARG B 140 -21.81 -8.80 -12.78
C ARG B 140 -21.17 -10.13 -12.41
N GLY B 141 -19.84 -10.20 -12.44
CA GLY B 141 -19.11 -11.42 -12.10
C GLY B 141 -19.01 -11.73 -10.62
N GLY B 142 -19.49 -10.83 -9.76
CA GLY B 142 -19.46 -11.07 -8.32
C GLY B 142 -18.24 -10.50 -7.59
N GLY B 143 -17.47 -9.66 -8.28
CA GLY B 143 -16.31 -9.02 -7.68
C GLY B 143 -15.08 -9.06 -8.55
N GLY B 144 -14.07 -8.32 -8.14
CA GLY B 144 -12.79 -8.30 -8.83
C GLY B 144 -11.93 -7.18 -8.32
N SER B 145 -10.85 -6.87 -9.05
CA SER B 145 -9.85 -5.92 -8.57
C SER B 145 -9.28 -5.05 -9.69
N PHE B 146 -9.43 -3.74 -9.57
CA PHE B 146 -8.97 -2.82 -10.60
C PHE B 146 -7.75 -2.07 -10.04
N VAL B 147 -6.65 -2.09 -10.76
CA VAL B 147 -5.46 -1.37 -10.34
C VAL B 147 -5.08 -0.32 -11.40
N GLY B 148 -5.12 0.93 -10.99
CA GLY B 148 -4.71 2.02 -11.84
C GLY B 148 -3.26 2.40 -11.60
N ILE B 149 -2.51 2.55 -12.69
CA ILE B 149 -1.12 3.01 -12.57
C ILE B 149 -1.02 4.52 -12.74
N SER B 150 -0.67 5.20 -11.64
CA SER B 150 -0.59 6.64 -11.61
C SER B 150 0.88 7.08 -11.75
N SER B 151 1.35 8.00 -10.92
CA SER B 151 2.74 8.44 -10.93
C SER B 151 3.06 9.26 -9.69
N ILE B 152 4.33 9.25 -9.30
CA ILE B 152 4.80 10.17 -8.27
C ILE B 152 4.54 11.65 -8.66
N ALA B 153 4.42 11.94 -9.96
CA ALA B 153 4.04 13.26 -10.41
C ALA B 153 2.73 13.74 -9.78
N ALA B 154 1.84 12.80 -9.41
CA ALA B 154 0.63 13.13 -8.67
C ALA B 154 0.86 13.40 -7.19
N SER B 155 1.86 12.78 -6.56
CA SER B 155 2.04 12.94 -5.10
C SER B 155 2.98 14.09 -4.78
N ASN B 156 3.89 14.39 -5.69
CA ASN B 156 4.88 15.45 -5.51
C ASN B 156 4.94 16.30 -6.78
N THR B 157 4.69 17.61 -6.66
CA THR B 157 4.79 18.52 -7.83
C THR B 157 6.12 18.37 -8.60
N HIS B 158 5.99 18.18 -9.92
CA HIS B 158 7.09 18.08 -10.84
C HIS B 158 7.05 19.39 -11.65
N ARG B 159 7.85 20.37 -11.25
CA ARG B 159 7.92 21.61 -12.01
C ARG B 159 8.14 21.27 -13.50
N TRP B 160 7.30 21.89 -14.33
CA TRP B 160 7.39 21.91 -15.79
C TRP B 160 6.85 20.65 -16.46
N PHE B 161 6.14 19.82 -15.69
CA PHE B 161 5.57 18.59 -16.24
C PHE B 161 4.14 18.81 -16.66
N GLY B 162 3.62 20.03 -16.44
CA GLY B 162 2.32 20.45 -16.95
C GLY B 162 1.23 19.43 -16.60
N ALA B 163 0.62 18.86 -17.64
CA ALA B 163 -0.60 18.05 -17.47
C ALA B 163 -0.37 16.68 -16.79
N TYR B 164 0.85 16.19 -16.77
CA TYR B 164 1.11 14.83 -16.25
C TYR B 164 0.60 14.63 -14.83
N GLY B 165 1.12 15.40 -13.88
CA GLY B 165 0.73 15.23 -12.48
C GLY B 165 -0.70 15.66 -12.22
N VAL B 166 -1.14 16.68 -12.95
CA VAL B 166 -2.50 17.19 -12.87
C VAL B 166 -3.47 16.05 -13.21
N THR B 167 -3.25 15.39 -14.34
CA THR B 167 -4.18 14.33 -14.78
C THR B 167 -4.03 13.09 -13.94
N LYS B 168 -2.81 12.75 -13.55
CA LYS B 168 -2.62 11.57 -12.71
CA LYS B 168 -2.61 11.58 -12.70
C LYS B 168 -3.29 11.77 -11.34
N SER B 169 -3.28 13.00 -10.80
CA SER B 169 -4.09 13.32 -9.60
C SER B 169 -5.59 13.05 -9.81
N ALA B 170 -6.11 13.38 -10.99
CA ALA B 170 -7.51 13.10 -11.30
C ALA B 170 -7.78 11.62 -11.26
N VAL B 171 -6.86 10.87 -11.84
CA VAL B 171 -6.99 9.43 -11.93
C VAL B 171 -6.96 8.80 -10.56
N ASP B 172 -6.10 9.32 -9.68
CA ASP B 172 -6.08 8.80 -8.31
C ASP B 172 -7.41 9.05 -7.62
N HIS B 173 -7.97 10.24 -7.82
CA HIS B 173 -9.25 10.51 -7.24
C HIS B 173 -10.34 9.57 -7.80
N LEU B 174 -10.29 9.32 -9.12
CA LEU B 174 -11.28 8.45 -9.76
C LEU B 174 -11.22 7.02 -9.21
N MET B 175 -10.02 6.53 -8.92
CA MET B 175 -9.87 5.21 -8.29
C MET B 175 -10.54 5.19 -6.91
N GLN B 176 -10.29 6.22 -6.13
CA GLN B 176 -10.93 6.33 -4.80
C GLN B 176 -12.48 6.46 -4.85
N LEU B 177 -12.99 7.30 -5.77
CA LEU B 177 -14.43 7.41 -5.98
C LEU B 177 -15.06 6.05 -6.34
N ALA B 178 -14.47 5.37 -7.33
CA ALA B 178 -14.94 4.06 -7.76
C ALA B 178 -14.90 2.99 -6.63
N ALA B 179 -13.81 2.99 -5.87
CA ALA B 179 -13.70 2.10 -4.70
C ALA B 179 -14.93 2.35 -3.77
N ASP B 180 -15.26 3.61 -3.54
CA ASP B 180 -16.37 3.98 -2.65
C ASP B 180 -17.71 3.43 -3.22
N GLU B 181 -17.92 3.66 -4.52
CA GLU B 181 -19.14 3.23 -5.21
C GLU B 181 -19.31 1.73 -5.37
N LEU B 182 -18.20 1.03 -5.58
CA LEU B 182 -18.23 -0.33 -6.05
C LEU B 182 -17.88 -1.32 -4.96
N GLY B 183 -17.49 -0.85 -3.78
CA GLY B 183 -17.19 -1.76 -2.67
C GLY B 183 -18.33 -2.74 -2.37
N ALA B 184 -19.55 -2.23 -2.46
CA ALA B 184 -20.76 -3.03 -2.16
C ALA B 184 -20.92 -4.20 -3.10
N SER B 185 -20.22 -4.13 -4.24
CA SER B 185 -20.24 -5.19 -5.25
C SER B 185 -18.97 -6.04 -5.22
N TRP B 186 -18.12 -5.84 -4.20
CA TRP B 186 -16.87 -6.58 -4.04
C TRP B 186 -15.87 -6.27 -5.13
N VAL B 187 -15.98 -5.11 -5.76
CA VAL B 187 -14.96 -4.65 -6.71
C VAL B 187 -14.04 -3.64 -5.99
N ARG B 188 -12.78 -4.04 -5.82
CA ARG B 188 -11.77 -3.21 -5.18
C ARG B 188 -11.09 -2.36 -6.24
N VAL B 189 -10.79 -1.11 -5.88
CA VAL B 189 -10.12 -0.21 -6.82
C VAL B 189 -9.01 0.51 -6.06
N ASN B 190 -7.80 0.45 -6.62
CA ASN B 190 -6.62 1.03 -5.99
C ASN B 190 -5.72 1.67 -7.05
N SER B 191 -4.87 2.60 -6.61
CA SER B 191 -3.87 3.24 -7.47
C SER B 191 -2.45 2.91 -6.99
N ILE B 192 -1.55 2.69 -7.94
CA ILE B 192 -0.13 2.65 -7.71
C ILE B 192 0.54 3.89 -8.35
N ARG B 193 1.37 4.60 -7.58
CA ARG B 193 2.18 5.70 -8.10
C ARG B 193 3.67 5.33 -8.13
N PRO B 194 4.17 4.85 -9.28
CA PRO B 194 5.58 4.54 -9.39
C PRO B 194 6.46 5.79 -9.40
N GLY B 195 7.67 5.67 -8.90
CA GLY B 195 8.65 6.75 -9.00
C GLY B 195 9.44 6.58 -10.29
N LEU B 196 10.75 6.69 -10.21
CA LEU B 196 11.59 6.52 -11.37
C LEU B 196 11.76 5.04 -11.60
N ILE B 197 11.16 4.54 -12.69
CA ILE B 197 11.28 3.15 -13.05
C ILE B 197 12.08 3.06 -14.33
N ARG B 198 13.02 2.13 -14.38
CA ARG B 198 13.85 1.94 -15.58
C ARG B 198 13.03 1.26 -16.68
N THR B 199 12.64 2.04 -17.69
CA THR B 199 12.09 1.51 -18.93
C THR B 199 12.85 2.17 -20.09
N ASP B 200 12.72 1.58 -21.28
CA ASP B 200 13.34 2.14 -22.50
C ASP B 200 12.78 3.54 -22.78
N LEU B 201 11.51 3.73 -22.46
CA LEU B 201 10.85 5.02 -22.57
C LEU B 201 11.68 6.15 -21.91
N VAL B 202 12.22 5.91 -20.71
CA VAL B 202 12.89 6.98 -19.94
C VAL B 202 14.42 6.83 -19.77
N ALA B 203 15.08 6.10 -20.67
CA ALA B 203 16.54 5.93 -20.61
C ALA B 203 17.33 7.25 -20.78
N ALA B 204 16.69 8.28 -21.34
CA ALA B 204 17.29 9.63 -21.39
C ALA B 204 17.52 10.18 -19.98
N ILE B 205 16.48 10.14 -19.14
CA ILE B 205 16.56 10.61 -17.75
C ILE B 205 17.43 9.69 -16.89
N THR B 206 17.07 8.40 -16.82
CA THR B 206 17.77 7.42 -15.93
C THR B 206 19.28 7.34 -16.16
N GLU B 207 19.72 7.60 -17.39
CA GLU B 207 21.13 7.54 -17.72
C GLU B 207 21.84 8.90 -17.81
N SER B 208 21.10 10.00 -17.69
CA SER B 208 21.70 11.35 -17.73
C SER B 208 22.31 11.72 -16.37
N ALA B 209 23.50 12.33 -16.39
CA ALA B 209 24.25 12.61 -15.16
C ALA B 209 23.55 13.58 -14.19
N GLU B 210 23.05 14.68 -14.72
CA GLU B 210 22.36 15.69 -13.92
C GLU B 210 21.02 15.20 -13.36
N LEU B 211 20.15 14.66 -14.21
CA LEU B 211 18.83 14.22 -13.77
C LEU B 211 18.86 12.92 -12.93
N SER B 212 19.73 11.98 -13.29
CA SER B 212 19.91 10.78 -12.47
C SER B 212 20.41 11.15 -11.07
N SER B 213 21.31 12.13 -11.01
CA SER B 213 21.87 12.60 -9.75
C SER B 213 20.79 13.29 -8.89
N ASP B 214 19.97 14.14 -9.52
CA ASP B 214 18.90 14.81 -8.82
C ASP B 214 17.90 13.79 -8.26
N TYR B 215 17.47 12.84 -9.09
CA TYR B 215 16.54 11.81 -8.61
C TYR B 215 17.13 11.02 -7.44
N ALA B 216 18.43 10.72 -7.51
CA ALA B 216 19.10 9.90 -6.49
C ALA B 216 19.09 10.62 -5.15
N MET B 217 19.40 11.92 -5.15
CA MET B 217 19.33 12.76 -3.94
C MET B 217 17.90 12.86 -3.37
N CYS B 218 16.88 12.69 -4.21
CA CYS B 218 15.49 12.73 -3.75
C CYS B 218 14.97 11.39 -3.25
N THR B 219 15.78 10.33 -3.39
CA THR B 219 15.33 8.94 -3.21
C THR B 219 16.09 8.23 -2.07
N PRO B 220 15.40 7.90 -0.98
CA PRO B 220 16.11 7.31 0.15
C PRO B 220 16.81 6.00 -0.18
N LEU B 221 16.12 5.07 -0.83
CA LEU B 221 16.76 3.82 -1.22
C LEU B 221 17.76 4.07 -2.34
N PRO B 222 18.96 3.48 -2.23
CA PRO B 222 20.03 3.78 -3.16
C PRO B 222 19.95 3.08 -4.53
N ARG B 223 18.77 3.01 -5.14
CA ARG B 223 18.66 2.45 -6.49
C ARG B 223 17.50 3.05 -7.21
N GLN B 224 17.43 2.76 -8.50
CA GLN B 224 16.31 3.14 -9.34
C GLN B 224 15.29 2.01 -9.35
N GLY B 225 14.06 2.32 -9.70
CA GLY B 225 13.00 1.30 -9.74
C GLY B 225 13.14 0.42 -10.96
N GLU B 226 12.47 -0.72 -10.91
CA GLU B 226 12.43 -1.69 -11.99
C GLU B 226 10.99 -2.03 -12.24
N VAL B 227 10.69 -2.40 -13.48
CA VAL B 227 9.32 -2.80 -13.84
C VAL B 227 8.76 -3.90 -12.90
N GLU B 228 9.60 -4.82 -12.47
CA GLU B 228 9.17 -5.90 -11.56
C GLU B 228 8.66 -5.34 -10.24
N ASP B 229 9.22 -4.23 -9.77
CA ASP B 229 8.77 -3.63 -8.52
C ASP B 229 7.27 -3.24 -8.64
N VAL B 230 6.90 -2.64 -9.77
CA VAL B 230 5.50 -2.22 -9.96
C VAL B 230 4.61 -3.45 -10.21
N ALA B 231 5.10 -4.41 -11.00
CA ALA B 231 4.35 -5.64 -11.31
C ALA B 231 4.02 -6.40 -10.03
N ASN B 232 4.97 -6.48 -9.11
CA ASN B 232 4.78 -7.17 -7.83
C ASN B 232 3.62 -6.54 -6.99
N MET B 233 3.60 -5.21 -6.92
CA MET B 233 2.54 -4.49 -6.21
C MET B 233 1.20 -4.70 -6.88
N ALA B 234 1.19 -4.65 -8.22
CA ALA B 234 -0.07 -4.83 -8.93
C ALA B 234 -0.62 -6.22 -8.68
N MET B 235 0.24 -7.23 -8.79
CA MET B 235 -0.18 -8.60 -8.60
C MET B 235 -0.67 -8.83 -7.17
N PHE B 236 0.05 -8.28 -6.20
CA PHE B 236 -0.44 -8.34 -4.82
C PHE B 236 -1.82 -7.72 -4.69
N LEU B 237 -2.01 -6.52 -5.25
CA LEU B 237 -3.33 -5.89 -5.14
C LEU B 237 -4.44 -6.64 -5.92
N LEU B 238 -4.09 -7.34 -7.01
CA LEU B 238 -5.07 -8.18 -7.73
C LEU B 238 -5.46 -9.43 -6.94
N SER B 239 -4.56 -9.90 -6.09
CA SER B 239 -4.68 -11.19 -5.43
C SER B 239 -5.62 -11.12 -4.25
N ASP B 240 -6.04 -12.31 -3.80
CA ASP B 240 -6.90 -12.43 -2.66
C ASP B 240 -6.23 -12.06 -1.34
N ALA B 241 -4.90 -11.97 -1.35
CA ALA B 241 -4.15 -11.53 -0.18
C ALA B 241 -4.39 -10.04 0.12
N ALA B 242 -5.00 -9.31 -0.82
CA ALA B 242 -5.37 -7.88 -0.62
C ALA B 242 -6.89 -7.65 -0.64
N SER B 243 -7.66 -8.70 -0.34
CA SER B 243 -9.13 -8.67 -0.50
C SER B 243 -9.87 -7.68 0.43
N PHE B 244 -9.18 -7.15 1.43
CA PHE B 244 -9.75 -6.10 2.25
C PHE B 244 -9.08 -4.76 1.97
N VAL B 245 -8.36 -4.66 0.85
CA VAL B 245 -7.61 -3.42 0.54
C VAL B 245 -8.32 -2.76 -0.63
N THR B 246 -8.93 -1.63 -0.37
CA THR B 246 -9.51 -0.86 -1.45
C THR B 246 -9.42 0.61 -1.13
N GLY B 247 -9.41 1.41 -2.19
CA GLY B 247 -9.38 2.87 -2.11
C GLY B 247 -8.02 3.46 -1.77
N GLN B 248 -6.96 2.64 -1.88
CA GLN B 248 -5.63 3.04 -1.49
C GLN B 248 -4.87 3.62 -2.65
N VAL B 249 -3.92 4.51 -2.35
CA VAL B 249 -3.06 5.15 -3.33
C VAL B 249 -1.61 4.99 -2.83
N ILE B 250 -0.85 4.09 -3.46
CA ILE B 250 0.39 3.53 -2.86
C ILE B 250 1.59 3.81 -3.76
N ASN B 251 2.63 4.47 -3.21
CA ASN B 251 3.81 4.76 -3.97
C ASN B 251 4.78 3.59 -3.95
N VAL B 252 5.31 3.26 -5.14
CA VAL B 252 6.42 2.29 -5.33
C VAL B 252 7.55 3.13 -5.93
N ASP B 253 8.30 3.78 -5.05
CA ASP B 253 9.17 4.89 -5.47
C ASP B 253 10.49 5.04 -4.72
N GLY B 254 10.87 4.00 -3.96
CA GLY B 254 12.11 4.08 -3.16
C GLY B 254 12.10 5.08 -2.01
N GLY B 255 10.91 5.59 -1.70
CA GLY B 255 10.70 6.62 -0.70
C GLY B 255 10.80 8.05 -1.22
N GLN B 256 10.85 8.23 -2.55
CA GLN B 256 11.03 9.59 -3.11
C GLN B 256 9.95 10.58 -2.64
N MET B 257 8.73 10.10 -2.41
CA MET B 257 7.63 11.00 -2.01
C MET B 257 7.90 11.70 -0.69
N LEU B 258 8.84 11.21 0.11
CA LEU B 258 9.20 11.82 1.37
C LEU B 258 10.07 13.04 1.20
N ARG B 259 10.64 13.19 0.00
CA ARG B 259 11.50 14.34 -0.31
C ARG B 259 10.74 15.21 -1.33
N ARG B 260 11.26 15.41 -2.54
CA ARG B 260 10.54 16.24 -3.51
C ARG B 260 10.53 15.58 -4.90
N GLY B 261 9.69 16.12 -5.78
CA GLY B 261 9.80 15.76 -7.17
C GLY B 261 11.13 16.23 -7.72
N PRO B 262 11.52 15.73 -8.92
CA PRO B 262 12.75 16.12 -9.55
C PRO B 262 12.76 17.56 -10.06
N ASP B 263 13.97 18.09 -10.14
CA ASP B 263 14.25 19.42 -10.68
C ASP B 263 14.93 19.22 -12.02
N PHE B 264 14.21 19.52 -13.11
CA PHE B 264 14.72 19.30 -14.48
C PHE B 264 15.43 20.55 -15.02
N SER B 265 15.78 21.48 -14.14
CA SER B 265 16.46 22.73 -14.51
C SER B 265 17.56 22.51 -15.52
N ALA B 266 18.48 21.61 -15.18
CA ALA B 266 19.69 21.38 -15.95
C ALA B 266 19.38 21.07 -17.43
N MET B 267 18.32 20.30 -17.66
CA MET B 267 17.84 19.99 -19.01
C MET B 267 17.18 21.21 -19.68
N LEU B 268 16.35 21.94 -18.92
CA LEU B 268 15.40 22.93 -19.47
C LEU B 268 15.96 24.35 -19.56
N GLU B 269 16.83 24.72 -18.61
CA GLU B 269 17.38 26.10 -18.59
C GLU B 269 18.06 26.50 -19.90
N PRO B 270 18.92 25.64 -20.47
CA PRO B 270 19.54 26.01 -21.76
C PRO B 270 18.57 26.20 -22.95
N VAL B 271 17.40 25.57 -22.86
CA VAL B 271 16.39 25.61 -23.91
C VAL B 271 15.40 26.77 -23.72
N PHE B 272 15.01 27.05 -22.47
CA PHE B 272 13.99 28.06 -22.15
C PHE B 272 14.56 29.33 -21.50
N GLY B 273 15.72 29.23 -20.88
CA GLY B 273 16.22 30.31 -20.03
C GLY B 273 15.55 30.31 -18.67
N ARG B 274 16.25 30.84 -17.66
CA ARG B 274 15.80 30.80 -16.26
C ARG B 274 14.51 31.60 -16.02
N ASP B 275 14.34 32.69 -16.75
CA ASP B 275 13.19 33.55 -16.54
C ASP B 275 11.91 32.86 -16.99
N ALA B 276 11.94 32.22 -18.15
CA ALA B 276 10.79 31.47 -18.62
C ALA B 276 10.37 30.37 -17.64
N LEU B 277 11.31 29.82 -16.88
CA LEU B 277 11.02 28.70 -15.99
C LEU B 277 10.29 29.14 -14.72
N ARG B 278 10.26 30.45 -14.47
CA ARG B 278 9.43 31.00 -13.40
C ARG B 278 8.28 31.85 -13.96
N GLY B 279 7.93 31.60 -15.22
CA GLY B 279 6.92 32.35 -15.91
C GLY B 279 7.67 33.50 -16.52
N LEU B 280 7.02 34.43 -17.15
CA LEU B 280 7.80 35.47 -17.84
C LEU B 280 8.00 35.01 -19.27
N VAL B 281 7.10 35.54 -20.09
CA VAL B 281 6.97 35.25 -21.51
C VAL B 281 7.49 36.46 -22.27
#